data_4AMP
#
_entry.id   4AMP
#
_cell.length_a   65.714
_cell.length_b   66.245
_cell.length_c   86.086
_cell.angle_alpha   90.00
_cell.angle_beta   90.00
_cell.angle_gamma   90.00
#
_symmetry.space_group_name_H-M   'P 21 21 21'
#
loop_
_entity.id
_entity.type
_entity.pdbx_description
1 polymer DYNE8
2 non-polymer 'CHLORIDE ION'
3 non-polymer 'MALONATE ION'
4 non-polymer GLYCEROL
5 water water
#
_entity_poly.entity_id   1
_entity_poly.type   'polypeptide(L)'
_entity_poly.pdbx_seq_one_letter_code
;RPHPDHELVVCGAPDAAALTGLLTRVRAAATALSRPELTDLAAGLAAAHRGDVPARFAAAVRDADGLVAALDRALGHLAE
GGRRLLDAGRGLFLVVGGPLRVGLLFPGQAAPVHADRGALGHLLGDADAGTGSDPDSGVKPAEPVDTAVAQPAIIADSLA
GIRWLDRLGARPVGALGHSLGELAALSWAGALDADDTLALARARGEAMSAATEAPSGMLSLRADLAAARELAAGTGAVVA
VDNGERHVVVAGTRPELDRVAEAARHAGIEATPLAVSHAFHSPLMAPAAEALRRAAGRLPWRRPERPVASTVTGAWWADE
DPVEVLVRQLTGPVRFREALGLLDADLLVEVGPGRMLSALAEAAGRTAVSLDAGAASAAGMAAGTAALFAAGAVDDATPF
FAGRFTRPFDRDREREFLVNP
;
_entity_poly.pdbx_strand_id   A
#
loop_
_chem_comp.id
_chem_comp.type
_chem_comp.name
_chem_comp.formula
CL non-polymer 'CHLORIDE ION' 'Cl -1'
GOL non-polymer GLYCEROL 'C3 H8 O3'
MLI non-polymer 'MALONATE ION' 'C3 H2 O4 -2'
#
# COMPACT_ATOMS: atom_id res chain seq x y z
N PRO A 4 -17.45 13.85 4.17
CA PRO A 4 -16.79 12.86 3.30
C PRO A 4 -17.77 12.22 2.27
N ASP A 5 -17.27 11.83 1.10
CA ASP A 5 -18.14 11.15 0.08
C ASP A 5 -18.53 9.71 0.44
N HIS A 6 -17.80 9.10 1.39
CA HIS A 6 -18.14 7.78 1.85
C HIS A 6 -18.21 7.92 3.37
N GLU A 7 -19.15 7.24 3.98
CA GLU A 7 -19.28 7.17 5.40
C GLU A 7 -18.73 5.84 5.91
N LEU A 8 -18.15 5.83 7.13
CA LEU A 8 -17.70 4.57 7.72
C LEU A 8 -18.73 4.09 8.70
N VAL A 9 -19.21 2.84 8.56
CA VAL A 9 -20.21 2.34 9.49
C VAL A 9 -19.63 1.07 10.13
N VAL A 10 -19.36 1.09 11.45
CA VAL A 10 -18.86 -0.05 12.15
C VAL A 10 -19.81 -0.53 13.21
N CYS A 11 -19.78 -1.82 13.53
CA CYS A 11 -20.36 -2.21 14.81
C CYS A 11 -19.91 -3.57 15.24
N GLY A 12 -20.34 -4.02 16.41
CA GLY A 12 -19.84 -5.27 16.83
C GLY A 12 -20.75 -5.79 17.91
N ALA A 13 -20.41 -6.99 18.31
CA ALA A 13 -21.16 -7.74 19.34
C ALA A 13 -20.31 -8.82 19.97
N PRO A 14 -20.84 -9.49 21.04
CA PRO A 14 -20.06 -10.51 21.75
C PRO A 14 -19.89 -11.80 20.99
N ASP A 15 -20.79 -12.09 20.03
CA ASP A 15 -20.68 -13.30 19.25
C ASP A 15 -21.51 -13.14 17.98
N ALA A 16 -21.49 -14.19 17.16
CA ALA A 16 -22.10 -14.14 15.83
C ALA A 16 -23.60 -14.02 15.91
N ALA A 17 -24.23 -14.75 16.83
CA ALA A 17 -25.68 -14.61 17.02
C ALA A 17 -26.07 -13.21 17.43
N ALA A 18 -25.32 -12.62 18.39
CA ALA A 18 -25.58 -11.26 18.79
C ALA A 18 -25.33 -10.30 17.65
N LEU A 19 -24.30 -10.58 16.87
CA LEU A 19 -24.02 -9.64 15.72
C LEU A 19 -25.13 -9.74 14.71
N THR A 20 -25.68 -10.93 14.48
CA THR A 20 -26.81 -11.01 13.58
C THR A 20 -27.97 -10.16 14.01
N GLY A 21 -28.27 -10.24 15.31
CA GLY A 21 -29.35 -9.40 15.85
C GLY A 21 -29.08 -7.93 15.68
N LEU A 22 -27.86 -7.47 15.99
CA LEU A 22 -27.56 -6.05 15.83
C LEU A 22 -27.67 -5.51 14.35
N LEU A 23 -27.08 -6.27 13.42
CA LEU A 23 -27.09 -5.89 12.00
C LEU A 23 -28.53 -5.83 11.46
N THR A 24 -29.36 -6.74 11.94
CA THR A 24 -30.80 -6.73 11.54
C THR A 24 -31.43 -5.41 12.02
N ARG A 25 -31.12 -4.98 13.26
CA ARG A 25 -31.68 -3.72 13.83
C ARG A 25 -31.13 -2.53 13.12
N VAL A 26 -29.83 -2.57 12.83
CA VAL A 26 -29.23 -1.48 12.08
C VAL A 26 -29.81 -1.35 10.68
N ARG A 27 -30.04 -2.49 10.03
CA ARG A 27 -30.64 -2.50 8.68
C ARG A 27 -32.02 -1.81 8.71
N ALA A 28 -32.82 -2.20 9.70
CA ALA A 28 -34.15 -1.58 9.91
C ALA A 28 -33.99 -0.08 10.14
N ALA A 29 -33.04 0.31 10.99
CA ALA A 29 -32.86 1.70 11.31
C ALA A 29 -32.30 2.51 10.13
N ALA A 30 -31.63 1.84 9.18
CA ALA A 30 -30.96 2.55 8.07
C ALA A 30 -31.89 2.81 6.90
N THR A 31 -32.88 1.94 6.66
CA THR A 31 -33.68 2.13 5.46
C THR A 31 -34.18 3.59 5.34
N ALA A 32 -33.91 4.16 4.18
CA ALA A 32 -34.37 5.50 3.78
C ALA A 32 -33.92 6.67 4.69
N LEU A 33 -32.77 6.52 5.37
CA LEU A 33 -32.21 7.65 6.11
C LEU A 33 -31.58 8.63 5.12
N SER A 34 -31.70 9.91 5.41
CA SER A 34 -31.02 10.90 4.62
C SER A 34 -29.55 10.84 5.00
N ARG A 35 -28.73 11.55 4.24
CA ARG A 35 -27.30 11.61 4.46
C ARG A 35 -26.90 12.10 5.89
N PRO A 36 -27.48 13.23 6.39
CA PRO A 36 -27.09 13.63 7.77
C PRO A 36 -27.56 12.65 8.82
N GLU A 37 -28.68 11.98 8.56
CA GLU A 37 -29.18 11.00 9.51
C GLU A 37 -28.25 9.78 9.56
N LEU A 38 -27.70 9.44 8.39
CA LEU A 38 -26.82 8.27 8.28
C LEU A 38 -25.55 8.59 9.03
N THR A 39 -25.07 9.82 8.81
CA THR A 39 -23.88 10.31 9.57
C THR A 39 -24.13 10.18 11.06
N ASP A 40 -25.31 10.59 11.57
CA ASP A 40 -25.55 10.40 13.00
C ASP A 40 -25.55 8.99 13.42
N LEU A 41 -26.16 8.13 12.61
CA LEU A 41 -26.27 6.71 12.96
C LEU A 41 -24.84 6.14 13.05
N ALA A 42 -24.05 6.48 12.03
CA ALA A 42 -22.63 6.00 11.95
C ALA A 42 -21.78 6.50 13.12
N ALA A 43 -21.85 7.80 13.43
CA ALA A 43 -21.09 8.37 14.52
C ALA A 43 -21.48 7.73 15.87
N GLY A 44 -22.78 7.50 16.05
CA GLY A 44 -23.25 6.83 17.29
C GLY A 44 -22.77 5.40 17.41
N LEU A 45 -22.81 4.65 16.28
CA LEU A 45 -22.31 3.31 16.31
C LEU A 45 -20.82 3.29 16.64
N ALA A 46 -20.04 4.24 16.08
CA ALA A 46 -18.57 4.18 16.35
C ALA A 46 -18.31 4.47 17.82
N ALA A 47 -19.10 5.38 18.41
CA ALA A 47 -18.92 5.70 19.85
C ALA A 47 -19.28 4.51 20.72
N ALA A 48 -20.31 3.71 20.34
CA ALA A 48 -20.77 2.65 21.20
C ALA A 48 -20.06 1.29 21.01
N HIS A 49 -19.42 1.13 19.85
CA HIS A 49 -18.74 -0.13 19.49
C HIS A 49 -17.25 0.05 19.30
N ARG A 50 -16.55 0.13 20.43
CA ARG A 50 -15.10 0.33 20.41
C ARG A 50 -14.56 -0.34 21.68
N GLY A 51 -13.30 -0.78 21.61
CA GLY A 51 -12.57 -1.47 22.73
C GLY A 51 -12.51 -2.97 22.36
N ASP A 52 -13.05 -3.82 23.21
CA ASP A 52 -12.96 -5.27 22.96
C ASP A 52 -14.34 -5.58 22.35
N VAL A 53 -14.31 -5.85 21.07
CA VAL A 53 -15.52 -5.96 20.32
C VAL A 53 -15.28 -7.31 19.65
N PRO A 54 -15.82 -8.41 20.19
CA PRO A 54 -15.32 -9.71 19.69
C PRO A 54 -15.65 -10.04 18.24
N ALA A 55 -16.88 -9.77 17.79
CA ALA A 55 -17.35 -10.01 16.43
C ALA A 55 -17.66 -8.64 15.76
N ARG A 56 -17.11 -8.45 14.55
CA ARG A 56 -17.04 -7.09 13.99
CA ARG A 56 -17.04 -7.10 13.99
C ARG A 56 -17.52 -7.00 12.57
N PHE A 57 -18.17 -5.90 12.28
CA PHE A 57 -18.58 -5.57 10.92
C PHE A 57 -18.07 -4.16 10.66
N ALA A 58 -17.63 -3.89 9.42
CA ALA A 58 -17.30 -2.51 9.05
C ALA A 58 -17.53 -2.34 7.54
N ALA A 59 -18.15 -1.24 7.15
CA ALA A 59 -18.32 -1.01 5.72
C ALA A 59 -18.14 0.44 5.42
N ALA A 60 -17.54 0.74 4.26
CA ALA A 60 -17.45 2.09 3.75
C ALA A 60 -18.55 2.27 2.71
N VAL A 61 -19.44 3.24 2.90
CA VAL A 61 -20.69 3.27 2.13
C VAL A 61 -20.90 4.66 1.55
N ARG A 62 -21.54 4.72 0.38
CA ARG A 62 -21.87 6.04 -0.14
C ARG A 62 -23.20 6.63 0.40
N ASP A 63 -24.14 5.81 0.86
CA ASP A 63 -25.45 6.28 1.30
C ASP A 63 -26.15 5.15 2.02
N ALA A 64 -27.35 5.42 2.55
CA ALA A 64 -28.10 4.42 3.29
C ALA A 64 -28.37 3.14 2.49
N ASP A 65 -28.65 3.32 1.19
CA ASP A 65 -28.91 2.09 0.41
C ASP A 65 -27.68 1.21 0.26
N GLY A 66 -26.51 1.82 0.16
CA GLY A 66 -25.23 1.08 0.14
C GLY A 66 -25.03 0.39 1.49
N LEU A 67 -25.43 1.07 2.57
CA LEU A 67 -25.36 0.44 3.91
C LEU A 67 -26.31 -0.76 3.99
N VAL A 68 -27.55 -0.61 3.54
CA VAL A 68 -28.47 -1.77 3.55
C VAL A 68 -27.93 -2.95 2.72
N ALA A 69 -27.35 -2.63 1.58
CA ALA A 69 -26.73 -3.67 0.70
C ALA A 69 -25.58 -4.41 1.40
N ALA A 70 -24.74 -3.63 2.07
CA ALA A 70 -23.65 -4.24 2.86
C ALA A 70 -24.16 -5.13 3.99
N LEU A 71 -25.18 -4.66 4.73
CA LEU A 71 -25.77 -5.42 5.83
C LEU A 71 -26.38 -6.70 5.34
N ASP A 72 -27.11 -6.60 4.22
CA ASP A 72 -27.63 -7.82 3.61
C ASP A 72 -26.57 -8.85 3.27
N ARG A 73 -25.43 -8.45 2.69
CA ARG A 73 -24.36 -9.40 2.41
C ARG A 73 -23.82 -10.00 3.67
N ALA A 74 -23.59 -9.15 4.68
CA ALA A 74 -23.06 -9.69 5.91
C ALA A 74 -24.04 -10.62 6.58
N LEU A 75 -25.30 -10.22 6.62
CA LEU A 75 -26.33 -11.06 7.22
C LEU A 75 -26.44 -12.40 6.48
N GLY A 76 -26.40 -12.36 5.15
CA GLY A 76 -26.45 -13.63 4.40
C GLY A 76 -25.28 -14.54 4.64
N HIS A 77 -24.09 -13.93 4.79
CA HIS A 77 -22.90 -14.63 5.15
C HIS A 77 -23.01 -15.30 6.53
N LEU A 78 -23.45 -14.55 7.55
CA LEU A 78 -23.62 -15.12 8.88
C LEU A 78 -24.64 -16.28 8.86
N ALA A 79 -25.73 -16.05 8.15
CA ALA A 79 -26.87 -17.00 8.04
C ALA A 79 -26.45 -18.38 7.53
N GLU A 80 -25.44 -18.44 6.66
CA GLU A 80 -24.90 -19.72 6.18
C GLU A 80 -23.68 -20.17 6.97
N GLY A 81 -23.46 -19.53 8.13
CA GLY A 81 -22.40 -19.97 9.05
C GLY A 81 -21.04 -19.37 8.74
N GLY A 82 -21.02 -18.32 7.91
CA GLY A 82 -19.76 -17.70 7.54
C GLY A 82 -19.23 -16.87 8.73
N ARG A 83 -17.91 -16.82 8.87
CA ARG A 83 -17.31 -16.03 9.93
C ARG A 83 -16.31 -14.97 9.39
N ARG A 84 -16.14 -14.89 8.06
CA ARG A 84 -15.06 -14.06 7.53
C ARG A 84 -15.40 -13.66 6.11
N LEU A 85 -15.71 -12.39 5.92
CA LEU A 85 -15.96 -11.88 4.55
CA LEU A 85 -15.98 -11.87 4.56
C LEU A 85 -15.15 -10.63 4.33
N LEU A 86 -14.16 -10.70 3.45
CA LEU A 86 -13.29 -9.58 3.23
C LEU A 86 -13.35 -9.11 1.77
N ASP A 87 -14.13 -8.08 1.49
CA ASP A 87 -14.26 -7.65 0.09
C ASP A 87 -13.70 -6.27 -0.02
N ALA A 88 -12.37 -6.20 -0.20
CA ALA A 88 -11.66 -4.96 -0.30
C ALA A 88 -12.22 -4.05 -1.36
N GLY A 89 -12.59 -4.59 -2.55
CA GLY A 89 -13.18 -3.78 -3.59
C GLY A 89 -14.58 -3.29 -3.43
N ARG A 90 -15.26 -3.72 -2.35
CA ARG A 90 -16.55 -3.14 -2.09
C ARG A 90 -16.51 -2.49 -0.68
N GLY A 91 -15.33 -2.43 -0.09
CA GLY A 91 -15.16 -1.79 1.23
C GLY A 91 -15.98 -2.44 2.34
N LEU A 92 -16.13 -3.77 2.28
CA LEU A 92 -17.02 -4.49 3.16
C LEU A 92 -16.20 -5.51 3.90
N PHE A 93 -16.19 -5.47 5.27
CA PHE A 93 -15.43 -6.43 6.02
C PHE A 93 -16.20 -6.97 7.21
N LEU A 94 -16.26 -8.30 7.32
CA LEU A 94 -16.95 -8.96 8.47
C LEU A 94 -16.01 -10.00 9.08
N VAL A 95 -15.73 -9.95 10.41
CA VAL A 95 -14.77 -10.92 10.99
C VAL A 95 -15.36 -11.31 12.31
N VAL A 96 -15.66 -12.59 12.47
CA VAL A 96 -16.06 -13.15 13.78
C VAL A 96 -14.89 -14.05 14.23
N GLY A 97 -14.29 -13.76 15.38
CA GLY A 97 -13.20 -14.56 15.92
C GLY A 97 -11.83 -14.15 15.38
N GLY A 98 -11.64 -12.84 15.16
CA GLY A 98 -10.30 -12.26 14.78
C GLY A 98 -9.59 -12.10 16.11
N PRO A 99 -8.54 -11.32 16.17
CA PRO A 99 -8.03 -10.45 15.11
C PRO A 99 -7.35 -11.23 14.01
N LEU A 100 -7.28 -10.62 12.82
CA LEU A 100 -6.52 -11.18 11.69
C LEU A 100 -5.16 -10.50 11.66
N ARG A 101 -4.25 -11.03 10.85
CA ARG A 101 -2.91 -10.46 10.73
C ARG A 101 -3.01 -9.41 9.61
N VAL A 102 -2.62 -8.17 9.91
CA VAL A 102 -2.66 -7.07 8.90
C VAL A 102 -1.26 -6.57 8.66
N GLY A 103 -0.88 -6.43 7.38
CA GLY A 103 0.42 -5.85 7.02
C GLY A 103 0.19 -4.55 6.28
N LEU A 104 1.20 -3.71 6.30
CA LEU A 104 1.17 -2.41 5.64
C LEU A 104 1.97 -2.41 4.34
N LEU A 105 1.49 -1.64 3.37
CA LEU A 105 2.24 -1.46 2.08
C LEU A 105 2.46 0.01 1.88
N PHE A 106 3.71 0.41 1.62
CA PHE A 106 4.02 1.79 1.39
C PHE A 106 4.46 2.02 -0.07
N PRO A 107 3.73 2.84 -0.81
CA PRO A 107 4.01 2.96 -2.25
C PRO A 107 5.20 3.81 -2.59
N GLY A 108 5.64 3.66 -3.85
CA GLY A 108 6.74 4.51 -4.29
C GLY A 108 6.22 5.52 -5.30
N GLN A 109 7.09 5.91 -6.19
CA GLN A 109 6.67 6.83 -7.22
C GLN A 109 6.01 6.20 -8.38
N ALA A 110 5.42 6.99 -9.23
CA ALA A 110 4.51 6.38 -10.06
C ALA A 110 3.27 6.36 -9.25
N ALA A 111 3.34 6.75 -7.94
CA ALA A 111 2.15 7.04 -7.09
C ALA A 111 1.59 8.47 -7.29
N PRO A 112 0.28 8.71 -7.11
CA PRO A 112 -0.24 10.07 -7.38
C PRO A 112 0.50 11.14 -6.54
N VAL A 113 0.84 12.23 -7.21
CA VAL A 113 1.58 13.29 -6.58
C VAL A 113 0.57 14.37 -6.12
N HIS A 114 0.31 14.35 -4.81
CA HIS A 114 -0.27 15.46 -4.05
C HIS A 114 0.93 16.01 -3.24
N PRO A 144 6.43 13.49 -17.56
CA PRO A 144 6.03 12.92 -16.29
C PRO A 144 6.44 13.82 -15.16
N VAL A 145 5.78 13.72 -14.03
CA VAL A 145 6.20 14.65 -12.91
C VAL A 145 7.71 14.47 -12.61
N ASP A 146 8.34 15.57 -12.23
CA ASP A 146 9.73 15.59 -11.85
C ASP A 146 9.87 14.80 -10.60
N THR A 147 10.78 13.86 -10.60
CA THR A 147 11.02 13.01 -9.43
C THR A 147 11.49 13.79 -8.19
N ALA A 148 12.16 14.91 -8.40
CA ALA A 148 12.52 15.80 -7.28
C ALA A 148 11.29 16.39 -6.51
N VAL A 149 10.16 16.50 -7.21
CA VAL A 149 8.91 16.98 -6.62
C VAL A 149 8.13 15.80 -6.08
N ALA A 150 7.99 14.76 -6.92
CA ALA A 150 7.14 13.65 -6.57
C ALA A 150 7.65 12.97 -5.31
N GLN A 151 8.98 12.82 -5.12
CA GLN A 151 9.38 11.97 -4.03
C GLN A 151 8.98 12.53 -2.67
N PRO A 152 9.30 13.79 -2.41
CA PRO A 152 8.83 14.26 -1.09
C PRO A 152 7.34 14.41 -0.93
N ALA A 153 6.61 14.68 -2.01
CA ALA A 153 5.15 14.74 -1.95
C ALA A 153 4.57 13.41 -1.53
N ILE A 154 5.08 12.33 -2.13
CA ILE A 154 4.51 11.02 -1.82
C ILE A 154 4.84 10.64 -0.38
N ILE A 155 6.06 10.92 0.03
CA ILE A 155 6.47 10.59 1.37
C ILE A 155 5.71 11.42 2.41
N ALA A 156 5.42 12.66 2.07
CA ALA A 156 4.55 13.49 2.97
C ALA A 156 3.17 12.85 3.14
N ASP A 157 2.58 12.35 2.03
CA ASP A 157 1.26 11.64 2.16
C ASP A 157 1.42 10.37 2.99
N SER A 158 2.48 9.62 2.76
CA SER A 158 2.65 8.36 3.56
C SER A 158 2.82 8.68 5.05
N LEU A 159 3.61 9.71 5.35
CA LEU A 159 3.83 10.10 6.75
C LEU A 159 2.48 10.59 7.38
N ALA A 160 1.61 11.24 6.63
CA ALA A 160 0.24 11.58 7.15
C ALA A 160 -0.50 10.30 7.46
N GLY A 161 -0.34 9.29 6.61
CA GLY A 161 -0.97 7.99 6.83
C GLY A 161 -0.51 7.36 8.09
N ILE A 162 0.77 7.48 8.35
CA ILE A 162 1.37 6.91 9.57
C ILE A 162 0.79 7.68 10.78
N ARG A 163 0.62 8.98 10.62
CA ARG A 163 -0.01 9.75 11.81
C ARG A 163 -1.43 9.24 12.05
N TRP A 164 -2.16 8.89 10.99
CA TRP A 164 -3.51 8.26 11.14
C TRP A 164 -3.43 6.94 11.85
N LEU A 165 -2.58 6.01 11.37
CA LEU A 165 -2.41 4.74 12.12
C LEU A 165 -2.04 4.98 13.56
N ASP A 166 -1.16 5.96 13.84
CA ASP A 166 -0.81 6.30 15.22
C ASP A 166 -2.04 6.82 16.02
N ARG A 167 -2.85 7.68 15.44
CA ARG A 167 -4.04 8.19 16.14
CA ARG A 167 -4.09 8.21 16.08
C ARG A 167 -4.96 7.02 16.45
N LEU A 168 -4.99 6.00 15.58
CA LEU A 168 -5.80 4.84 15.81
C LEU A 168 -5.21 3.75 16.72
N GLY A 169 -3.94 3.86 17.08
CA GLY A 169 -3.27 2.78 17.82
C GLY A 169 -3.14 1.48 17.00
N ALA A 170 -2.99 1.56 15.70
CA ALA A 170 -2.94 0.37 14.81
C ALA A 170 -1.82 -0.58 15.19
N ARG A 171 -2.12 -1.88 15.15
CA ARG A 171 -1.16 -2.92 15.42
C ARG A 171 -0.93 -3.88 14.23
N PRO A 172 -0.34 -3.38 13.15
CA PRO A 172 0.00 -4.34 12.07
C PRO A 172 1.18 -5.25 12.44
N VAL A 173 1.29 -6.39 11.73
CA VAL A 173 2.38 -7.35 11.99
C VAL A 173 3.69 -6.94 11.32
N GLY A 174 3.67 -5.98 10.37
CA GLY A 174 4.93 -5.68 9.68
C GLY A 174 4.58 -4.82 8.47
N ALA A 175 5.62 -4.36 7.76
CA ALA A 175 5.36 -3.44 6.64
C ALA A 175 6.30 -3.80 5.54
N LEU A 176 5.96 -3.39 4.31
CA LEU A 176 6.98 -3.33 3.26
C LEU A 176 6.80 -2.06 2.51
N GLY A 177 7.87 -1.54 1.88
CA GLY A 177 7.77 -0.34 1.06
C GLY A 177 8.40 -0.66 -0.31
N HIS A 178 7.70 -0.24 -1.30
CA HIS A 178 8.14 -0.54 -2.70
C HIS A 178 9.05 0.57 -3.17
N SER A 179 10.21 0.47 -3.55
CA SER A 179 11.02 1.60 -4.05
C SER A 179 11.11 2.73 -2.92
N LEU A 180 10.80 3.95 -3.30
CA LEU A 180 10.77 5.10 -2.39
C LEU A 180 9.99 4.77 -1.11
N GLY A 181 8.98 3.93 -1.24
CA GLY A 181 8.24 3.53 -0.02
C GLY A 181 9.03 2.86 1.08
N GLU A 182 10.16 2.24 0.79
CA GLU A 182 10.99 1.64 1.84
C GLU A 182 11.34 2.72 2.89
N LEU A 183 11.49 3.98 2.45
CA LEU A 183 11.81 5.03 3.41
C LEU A 183 10.65 5.23 4.42
N ALA A 184 9.41 5.15 3.92
CA ALA A 184 8.23 5.38 4.79
C ALA A 184 8.10 4.16 5.69
N ALA A 185 8.35 2.97 5.18
CA ALA A 185 8.28 1.73 6.00
C ALA A 185 9.29 1.82 7.14
N LEU A 186 10.47 2.35 6.82
CA LEU A 186 11.55 2.43 7.82
C LEU A 186 11.15 3.47 8.86
N SER A 187 10.48 4.54 8.44
CA SER A 187 10.04 5.59 9.41
C SER A 187 8.90 5.01 10.25
N TRP A 188 7.95 4.29 9.64
CA TRP A 188 6.96 3.54 10.47
C TRP A 188 7.54 2.57 11.54
N ALA A 189 8.66 1.91 11.21
CA ALA A 189 9.28 0.93 12.06
C ALA A 189 10.22 1.56 13.13
N GLY A 190 10.29 2.88 13.15
CA GLY A 190 11.09 3.64 14.14
C GLY A 190 12.56 3.78 13.81
N ALA A 191 12.96 3.48 12.55
CA ALA A 191 14.38 3.59 12.19
C ALA A 191 14.82 5.02 11.95
N LEU A 192 13.87 5.87 11.61
CA LEU A 192 14.13 7.29 11.32
C LEU A 192 12.89 8.14 11.59
N ASP A 193 13.04 9.29 12.25
CA ASP A 193 11.90 10.19 12.48
C ASP A 193 11.29 10.78 11.23
N ALA A 194 10.05 11.28 11.35
CA ALA A 194 9.30 11.81 10.23
C ALA A 194 9.96 12.97 9.53
N ASP A 195 10.48 13.93 10.30
CA ASP A 195 11.12 15.08 9.71
C ASP A 195 12.40 14.72 8.88
N ASP A 196 13.23 13.87 9.41
CA ASP A 196 14.47 13.39 8.71
C ASP A 196 14.10 12.54 7.48
N THR A 197 13.04 11.77 7.60
CA THR A 197 12.54 10.97 6.47
C THR A 197 12.08 11.85 5.30
N LEU A 198 11.27 12.89 5.57
CA LEU A 198 10.86 13.81 4.56
C LEU A 198 12.10 14.54 3.98
N ALA A 199 13.06 14.92 4.84
CA ALA A 199 14.27 15.62 4.35
C ALA A 199 15.02 14.66 3.41
N LEU A 200 15.15 13.40 3.79
CA LEU A 200 15.87 12.36 2.97
C LEU A 200 15.15 12.24 1.64
N ALA A 201 13.81 12.24 1.68
CA ALA A 201 13.05 12.04 0.41
C ALA A 201 13.32 13.21 -0.54
N ARG A 202 13.43 14.42 0.02
CA ARG A 202 13.76 15.57 -0.83
C ARG A 202 15.15 15.38 -1.50
N ALA A 203 16.14 15.02 -0.69
CA ALA A 203 17.52 14.89 -1.17
C ALA A 203 17.60 13.75 -2.19
N ARG A 204 16.87 12.65 -1.92
CA ARG A 204 16.89 11.48 -2.83
C ARG A 204 16.24 11.86 -4.15
N GLY A 205 15.12 12.58 -4.11
CA GLY A 205 14.47 13.05 -5.31
C GLY A 205 15.38 13.95 -6.16
N GLU A 206 16.12 14.80 -5.48
CA GLU A 206 17.09 15.66 -6.17
C GLU A 206 18.24 14.85 -6.77
N ALA A 207 18.86 13.97 -5.98
CA ALA A 207 19.96 13.12 -6.50
C ALA A 207 19.54 12.30 -7.71
N MET A 208 18.31 11.82 -7.69
CA MET A 208 17.92 10.83 -8.71
C MET A 208 17.60 11.50 -9.99
N SER A 209 16.99 12.63 -9.92
CA SER A 209 16.81 13.39 -11.10
C SER A 209 18.11 13.97 -11.67
N ALA A 210 19.19 13.94 -10.90
CA ALA A 210 20.51 14.55 -11.36
C ALA A 210 21.32 13.53 -12.13
N ALA A 211 20.93 12.26 -12.01
CA ALA A 211 21.77 11.16 -12.56
C ALA A 211 21.83 10.79 -14.04
N THR A 212 20.76 10.83 -14.81
CA THR A 212 20.86 10.25 -16.16
C THR A 212 21.26 11.26 -17.17
N GLU A 213 21.76 10.75 -18.30
CA GLU A 213 22.25 11.55 -19.37
C GLU A 213 21.46 11.06 -20.60
N ALA A 214 21.92 9.93 -21.15
CA ALA A 214 21.42 9.39 -22.44
C ALA A 214 20.00 8.94 -22.23
N PRO A 215 19.16 9.04 -23.26
CA PRO A 215 17.74 8.73 -23.15
C PRO A 215 17.61 7.33 -22.59
N SER A 216 16.71 7.22 -21.61
CA SER A 216 16.55 5.89 -20.99
C SER A 216 15.18 5.79 -20.41
N GLY A 217 14.80 4.61 -19.92
CA GLY A 217 13.39 4.51 -19.44
C GLY A 217 13.13 3.09 -18.99
N MET A 218 11.86 2.66 -19.01
CA MET A 218 11.43 1.40 -18.39
C MET A 218 10.37 0.78 -19.23
N LEU A 219 10.31 -0.55 -19.26
CA LEU A 219 9.40 -1.29 -20.13
C LEU A 219 8.77 -2.38 -19.28
N SER A 220 7.42 -2.39 -19.17
CA SER A 220 6.78 -3.38 -18.29
C SER A 220 6.39 -4.64 -19.07
N LEU A 221 6.76 -5.81 -18.58
CA LEU A 221 6.49 -7.08 -19.32
C LEU A 221 5.42 -7.85 -18.55
N ARG A 222 4.45 -8.40 -19.28
CA ARG A 222 3.47 -9.26 -18.65
C ARG A 222 4.03 -10.68 -18.69
N ALA A 223 4.91 -10.98 -17.70
CA ALA A 223 5.73 -12.17 -17.80
C ALA A 223 6.40 -12.32 -16.44
N ASP A 224 6.88 -13.55 -16.15
CA ASP A 224 7.58 -13.75 -14.89
C ASP A 224 9.06 -13.41 -14.94
N LEU A 225 9.74 -13.50 -13.81
CA LEU A 225 11.15 -13.09 -13.76
C LEU A 225 12.04 -13.86 -14.75
N ALA A 226 11.85 -15.17 -14.86
CA ALA A 226 12.69 -15.93 -15.77
C ALA A 226 12.43 -15.57 -17.24
N ALA A 227 11.17 -15.29 -17.57
CA ALA A 227 10.87 -14.89 -18.94
C ALA A 227 11.48 -13.53 -19.21
N ALA A 228 11.36 -12.62 -18.23
CA ALA A 228 11.97 -11.27 -18.47
C ALA A 228 13.48 -11.40 -18.63
N ARG A 229 14.14 -12.23 -17.80
CA ARG A 229 15.60 -12.37 -17.94
C ARG A 229 15.97 -12.99 -19.27
N GLU A 230 15.16 -13.94 -19.75
CA GLU A 230 15.40 -14.51 -21.10
C GLU A 230 15.28 -13.44 -22.18
N LEU A 231 14.22 -12.60 -22.15
CA LEU A 231 14.06 -11.52 -23.11
C LEU A 231 15.19 -10.48 -23.03
N ALA A 232 15.70 -10.23 -21.81
CA ALA A 232 16.68 -9.17 -21.65
C ALA A 232 18.09 -9.68 -21.91
N ALA A 233 18.28 -11.00 -21.90
CA ALA A 233 19.67 -11.58 -21.93
C ALA A 233 20.40 -11.11 -23.16
N GLY A 234 21.56 -10.52 -22.91
CA GLY A 234 22.45 -10.03 -23.96
C GLY A 234 22.00 -8.66 -24.60
N THR A 235 20.91 -8.05 -24.08
CA THR A 235 20.42 -6.75 -24.68
C THR A 235 21.00 -5.49 -24.06
N GLY A 236 21.53 -5.62 -22.83
CA GLY A 236 21.96 -4.47 -22.04
C GLY A 236 20.87 -4.06 -21.01
N ALA A 237 19.64 -4.41 -21.28
CA ALA A 237 18.55 -4.03 -20.29
C ALA A 237 18.61 -4.95 -19.09
N VAL A 238 18.13 -4.48 -17.93
CA VAL A 238 18.16 -5.31 -16.74
C VAL A 238 16.82 -5.32 -16.06
N VAL A 239 16.57 -6.32 -15.19
CA VAL A 239 15.35 -6.27 -14.38
C VAL A 239 15.40 -5.12 -13.39
N ALA A 240 14.36 -4.32 -13.42
CA ALA A 240 14.21 -3.11 -12.55
C ALA A 240 13.21 -3.41 -11.43
N VAL A 241 12.07 -4.01 -11.73
CA VAL A 241 11.03 -4.24 -10.63
C VAL A 241 10.47 -5.64 -10.82
N ASP A 242 10.55 -6.47 -9.80
CA ASP A 242 9.93 -7.80 -9.88
C ASP A 242 8.62 -7.67 -9.12
N ASN A 243 7.55 -7.39 -9.66
CA ASN A 243 6.20 -7.29 -9.02
C ASN A 243 5.54 -8.66 -8.96
N GLY A 244 5.64 -9.47 -9.70
CA GLY A 244 4.88 -10.73 -9.57
C GLY A 244 5.09 -11.64 -10.73
N GLU A 245 4.40 -12.79 -10.69
CA GLU A 245 4.41 -13.78 -11.78
C GLU A 245 3.99 -13.28 -13.14
N ARG A 246 3.27 -12.20 -13.16
CA ARG A 246 2.86 -11.67 -14.50
CA ARG A 246 2.79 -11.75 -14.43
C ARG A 246 3.25 -10.29 -14.48
N HIS A 247 4.22 -9.75 -13.92
CA HIS A 247 4.54 -8.30 -14.00
C HIS A 247 5.99 -8.03 -13.61
N VAL A 248 6.85 -7.87 -14.59
CA VAL A 248 8.27 -7.58 -14.29
C VAL A 248 8.65 -6.40 -15.21
N VAL A 249 9.31 -5.40 -14.62
CA VAL A 249 9.67 -4.19 -15.41
C VAL A 249 11.18 -4.30 -15.60
N VAL A 250 11.63 -4.00 -16.83
CA VAL A 250 13.07 -3.88 -17.20
C VAL A 250 13.39 -2.44 -17.47
N ALA A 251 14.67 -2.11 -17.36
CA ALA A 251 15.12 -0.67 -17.52
C ALA A 251 16.43 -0.67 -18.31
N GLY A 252 16.62 0.40 -19.10
CA GLY A 252 17.88 0.49 -19.86
C GLY A 252 17.83 1.73 -20.72
N THR A 253 18.89 1.94 -21.48
CA THR A 253 18.77 3.04 -22.46
C THR A 253 17.73 2.72 -23.53
N ARG A 254 17.36 3.71 -24.35
CA ARG A 254 16.38 3.43 -25.42
C ARG A 254 16.79 2.29 -26.40
N PRO A 255 18.09 2.20 -26.85
CA PRO A 255 18.39 1.10 -27.74
C PRO A 255 18.25 -0.25 -27.03
N GLU A 256 18.62 -0.27 -25.77
CA GLU A 256 18.46 -1.52 -24.97
C GLU A 256 17.00 -1.94 -24.84
N LEU A 257 16.13 -1.04 -24.52
CA LEU A 257 14.69 -1.35 -24.41
C LEU A 257 14.16 -1.73 -25.80
N ASP A 258 14.66 -1.12 -26.86
CA ASP A 258 14.15 -1.56 -28.15
C ASP A 258 14.48 -3.00 -28.47
N ARG A 259 15.67 -3.49 -28.06
CA ARG A 259 15.99 -4.88 -28.23
C ARG A 259 15.05 -5.79 -27.45
N VAL A 260 14.72 -5.41 -26.22
CA VAL A 260 13.77 -6.24 -25.46
C VAL A 260 12.36 -6.21 -26.10
N ALA A 261 11.94 -5.04 -26.58
CA ALA A 261 10.57 -4.85 -27.15
C ALA A 261 10.47 -5.76 -28.41
N GLU A 262 11.54 -5.81 -29.21
CA GLU A 262 11.60 -6.67 -30.38
C GLU A 262 11.49 -8.14 -29.96
N ALA A 263 12.24 -8.55 -28.95
CA ALA A 263 12.29 -9.92 -28.51
C ALA A 263 10.89 -10.27 -27.93
N ALA A 264 10.28 -9.32 -27.21
CA ALA A 264 9.00 -9.62 -26.55
C ALA A 264 7.96 -9.88 -27.66
N ARG A 265 7.94 -9.04 -28.71
CA ARG A 265 6.98 -9.21 -29.82
C ARG A 265 7.15 -10.55 -30.44
N HIS A 266 8.40 -10.92 -30.75
CA HIS A 266 8.68 -12.23 -31.33
CA HIS A 266 8.72 -12.20 -31.33
C HIS A 266 8.26 -13.38 -30.45
N ALA A 267 8.41 -13.25 -29.10
CA ALA A 267 7.98 -14.29 -28.19
C ALA A 267 6.48 -14.28 -27.82
N GLY A 268 5.74 -13.29 -28.30
CA GLY A 268 4.36 -13.01 -27.95
C GLY A 268 4.15 -12.60 -26.48
N ILE A 269 5.12 -11.93 -25.90
CA ILE A 269 4.99 -11.39 -24.52
C ILE A 269 4.55 -9.91 -24.63
N GLU A 270 3.49 -9.45 -23.94
CA GLU A 270 3.05 -8.07 -24.00
C GLU A 270 4.03 -7.13 -23.25
N ALA A 271 4.49 -6.13 -23.96
CA ALA A 271 5.49 -5.17 -23.39
C ALA A 271 4.92 -3.77 -23.46
N THR A 272 4.80 -3.11 -22.33
CA THR A 272 4.23 -1.73 -22.28
C THR A 272 5.27 -0.71 -21.86
N PRO A 273 5.55 0.28 -22.71
CA PRO A 273 6.50 1.33 -22.31
C PRO A 273 5.95 2.18 -21.18
N LEU A 274 6.77 2.53 -20.18
CA LEU A 274 6.31 3.38 -19.08
C LEU A 274 6.58 4.85 -19.34
N ALA A 275 5.69 5.73 -18.87
CA ALA A 275 5.92 7.18 -19.09
C ALA A 275 6.83 7.70 -17.98
N VAL A 276 8.12 7.42 -18.15
CA VAL A 276 9.14 7.86 -17.22
CA VAL A 276 9.16 7.87 -17.23
C VAL A 276 10.35 8.27 -18.10
N SER A 277 11.15 9.24 -17.69
CA SER A 277 12.36 9.64 -18.49
C SER A 277 13.69 9.16 -17.91
N HIS A 278 13.62 8.21 -17.01
CA HIS A 278 14.86 7.73 -16.48
C HIS A 278 14.69 6.23 -16.36
N ALA A 279 15.70 5.52 -16.73
N ALA A 279 15.82 5.54 -16.43
CA ALA A 279 15.85 4.22 -16.07
CA ALA A 279 15.92 4.06 -16.11
C ALA A 279 15.82 4.64 -14.61
C ALA A 279 16.20 3.73 -14.62
N PHE A 280 15.13 3.85 -13.82
CA PHE A 280 15.27 3.71 -12.40
C PHE A 280 15.58 2.23 -12.16
N HIS A 281 16.20 1.94 -11.02
CA HIS A 281 16.55 0.57 -10.56
CA HIS A 281 16.47 0.57 -10.58
C HIS A 281 17.49 -0.10 -11.47
N SER A 282 18.45 0.67 -12.00
CA SER A 282 19.45 0.12 -12.95
C SER A 282 20.76 0.81 -12.72
N PRO A 283 21.83 0.23 -13.24
CA PRO A 283 23.14 0.86 -13.12
C PRO A 283 23.22 2.29 -13.68
N LEU A 284 22.28 2.72 -14.51
CA LEU A 284 22.35 4.11 -15.05
C LEU A 284 22.05 5.10 -13.86
N MET A 285 21.57 4.65 -12.71
CA MET A 285 21.33 5.56 -11.54
C MET A 285 22.60 5.61 -10.66
N ALA A 286 23.67 4.88 -10.99
CA ALA A 286 24.86 4.89 -10.07
C ALA A 286 25.41 6.32 -9.75
N PRO A 287 25.42 7.24 -10.72
CA PRO A 287 25.98 8.58 -10.41
C PRO A 287 25.25 9.25 -9.23
N ALA A 288 24.00 8.89 -8.94
CA ALA A 288 23.35 9.41 -7.70
C ALA A 288 23.88 8.96 -6.34
N ALA A 289 24.80 7.98 -6.25
CA ALA A 289 25.12 7.36 -5.02
C ALA A 289 25.90 8.32 -4.12
N GLU A 290 26.74 9.13 -4.75
CA GLU A 290 27.52 10.12 -4.00
C GLU A 290 26.61 11.07 -3.18
N ALA A 291 25.67 11.73 -3.86
CA ALA A 291 24.74 12.70 -3.29
C ALA A 291 23.87 12.02 -2.24
N LEU A 292 23.41 10.80 -2.54
CA LEU A 292 22.49 10.14 -1.61
C LEU A 292 23.24 9.61 -0.41
N ARG A 293 24.45 9.05 -0.62
CA ARG A 293 25.26 8.53 0.45
C ARG A 293 25.56 9.67 1.47
N ARG A 294 25.89 10.86 0.96
CA ARG A 294 26.08 12.04 1.79
C ARG A 294 24.89 12.40 2.60
N ALA A 295 23.73 12.55 1.92
CA ALA A 295 22.47 12.90 2.59
C ALA A 295 22.07 11.91 3.67
N ALA A 296 22.23 10.62 3.40
CA ALA A 296 21.75 9.62 4.30
C ALA A 296 22.73 9.46 5.47
N GLY A 297 24.00 9.77 5.22
CA GLY A 297 25.04 9.44 6.15
C GLY A 297 25.05 10.31 7.40
N ARG A 298 24.44 11.48 7.32
CA ARG A 298 24.40 12.45 8.40
C ARG A 298 23.22 12.21 9.38
N LEU A 299 22.35 11.25 9.09
CA LEU A 299 21.10 11.16 9.81
C LEU A 299 21.13 10.24 10.99
N PRO A 300 20.23 10.50 11.98
CA PRO A 300 20.19 9.70 13.18
C PRO A 300 19.46 8.33 13.05
N TRP A 301 19.97 7.45 12.20
CA TRP A 301 19.41 6.12 12.03
C TRP A 301 19.36 5.29 13.33
N ARG A 302 18.22 4.63 13.55
CA ARG A 302 18.06 3.66 14.60
C ARG A 302 17.73 2.28 14.06
N ARG A 303 17.94 1.24 14.85
CA ARG A 303 17.50 -0.10 14.46
C ARG A 303 15.95 -0.05 14.38
N PRO A 304 15.38 -0.67 13.33
CA PRO A 304 13.93 -0.79 13.30
C PRO A 304 13.41 -1.61 14.46
N GLU A 305 12.28 -1.16 15.02
CA GLU A 305 11.65 -1.83 16.15
C GLU A 305 10.44 -2.65 15.78
N ARG A 306 10.05 -2.62 14.50
CA ARG A 306 8.88 -3.36 13.98
CA ARG A 306 8.92 -3.41 14.00
C ARG A 306 9.38 -4.09 12.71
N PRO A 307 8.73 -5.21 12.31
CA PRO A 307 9.27 -5.94 11.15
C PRO A 307 9.07 -5.19 9.82
N VAL A 308 10.12 -5.22 9.00
CA VAL A 308 10.07 -4.60 7.65
C VAL A 308 10.59 -5.62 6.68
N ALA A 309 9.77 -5.95 5.70
CA ALA A 309 10.20 -6.85 4.62
C ALA A 309 10.77 -5.93 3.51
N SER A 310 12.09 -6.06 3.25
CA SER A 310 12.77 -5.12 2.38
C SER A 310 12.56 -5.50 0.90
N THR A 311 12.25 -4.49 0.11
CA THR A 311 12.24 -4.74 -1.37
C THR A 311 13.63 -4.41 -1.97
N VAL A 312 14.62 -4.13 -1.13
CA VAL A 312 16.01 -4.05 -1.61
C VAL A 312 16.67 -5.40 -1.48
N THR A 313 16.50 -6.07 -0.34
CA THR A 313 17.16 -7.35 -0.08
C THR A 313 16.25 -8.54 -0.37
N GLY A 314 14.94 -8.30 -0.40
CA GLY A 314 13.96 -9.36 -0.51
C GLY A 314 13.89 -10.21 0.78
N ALA A 315 14.33 -9.67 1.89
CA ALA A 315 14.44 -10.44 3.13
C ALA A 315 13.93 -9.56 4.25
N TRP A 316 13.64 -10.14 5.42
CA TRP A 316 13.42 -9.27 6.59
C TRP A 316 14.60 -8.40 6.88
N TRP A 317 14.34 -7.15 7.25
CA TRP A 317 15.36 -6.22 7.70
C TRP A 317 15.92 -6.77 9.04
N ALA A 318 17.23 -7.05 9.06
CA ALA A 318 17.90 -7.69 10.22
C ALA A 318 19.23 -6.99 10.29
N ASP A 319 19.26 -5.82 10.94
CA ASP A 319 20.50 -5.03 11.24
C ASP A 319 21.43 -4.65 10.07
N GLU A 320 20.84 -4.48 8.91
CA GLU A 320 21.51 -3.85 7.80
C GLU A 320 21.99 -2.44 8.14
N ASP A 321 22.97 -1.97 7.38
CA ASP A 321 23.37 -0.58 7.42
C ASP A 321 22.46 0.15 6.42
N PRO A 322 21.59 1.06 6.92
CA PRO A 322 20.53 1.67 6.11
C PRO A 322 21.13 2.52 4.97
N VAL A 323 22.33 3.10 5.21
CA VAL A 323 22.96 3.89 4.19
C VAL A 323 23.37 3.00 3.00
N GLU A 324 23.97 1.83 3.30
CA GLU A 324 24.45 0.96 2.25
C GLU A 324 23.21 0.43 1.50
N VAL A 325 22.15 0.12 2.23
CA VAL A 325 20.94 -0.43 1.57
C VAL A 325 20.34 0.62 0.65
N LEU A 326 20.21 1.86 1.11
CA LEU A 326 19.62 2.93 0.29
C LEU A 326 20.47 3.24 -0.94
N VAL A 327 21.78 3.08 -0.81
CA VAL A 327 22.67 3.30 -1.97
C VAL A 327 22.48 2.16 -2.99
N ARG A 328 22.39 0.93 -2.53
CA ARG A 328 22.24 -0.10 -3.58
C ARG A 328 20.88 -0.20 -4.09
N GLN A 329 19.91 0.35 -3.39
CA GLN A 329 18.55 0.47 -3.95
C GLN A 329 18.51 1.30 -5.25
N LEU A 330 19.44 2.25 -5.41
CA LEU A 330 19.49 3.12 -6.65
C LEU A 330 19.63 2.24 -7.89
N THR A 331 20.48 1.20 -7.76
CA THR A 331 20.88 0.46 -9.00
C THR A 331 20.35 -0.96 -9.07
N GLY A 332 19.90 -1.51 -7.94
CA GLY A 332 19.44 -2.94 -7.89
C GLY A 332 17.93 -2.99 -8.16
N PRO A 333 17.41 -4.20 -8.25
CA PRO A 333 15.98 -4.34 -8.61
C PRO A 333 15.09 -4.19 -7.35
N VAL A 334 13.82 -3.89 -7.59
CA VAL A 334 12.78 -3.80 -6.52
C VAL A 334 12.25 -5.21 -6.38
N ARG A 335 12.46 -5.79 -5.21
CA ARG A 335 12.09 -7.15 -4.94
C ARG A 335 10.71 -7.23 -4.28
N PHE A 336 9.69 -6.77 -4.99
CA PHE A 336 8.37 -6.70 -4.35
C PHE A 336 7.76 -8.10 -4.21
N ARG A 337 7.84 -8.93 -5.27
CA ARG A 337 7.30 -10.30 -5.16
C ARG A 337 7.81 -11.03 -3.90
N GLU A 338 9.15 -11.04 -3.71
CA GLU A 338 9.78 -11.72 -2.59
C GLU A 338 9.30 -11.10 -1.26
N ALA A 339 9.37 -9.76 -1.14
CA ALA A 339 9.00 -9.08 0.11
C ALA A 339 7.53 -9.36 0.43
N LEU A 340 6.66 -9.28 -0.57
CA LEU A 340 5.22 -9.54 -0.26
C LEU A 340 5.03 -10.98 0.21
N GLY A 341 5.75 -11.93 -0.36
CA GLY A 341 5.63 -13.33 0.07
C GLY A 341 6.03 -13.52 1.50
N LEU A 342 6.94 -12.72 2.02
CA LEU A 342 7.41 -12.85 3.46
C LEU A 342 6.33 -12.36 4.40
N LEU A 343 5.64 -11.30 3.99
CA LEU A 343 4.66 -10.62 4.85
C LEU A 343 3.43 -11.53 4.93
N ASP A 344 3.33 -12.28 6.02
CA ASP A 344 2.26 -13.23 6.25
C ASP A 344 1.11 -12.43 6.83
N ALA A 345 0.10 -12.18 6.02
CA ALA A 345 -0.98 -11.33 6.53
C ALA A 345 -2.22 -11.64 5.81
N ASP A 346 -3.33 -11.73 6.56
CA ASP A 346 -4.61 -11.95 5.92
C ASP A 346 -5.11 -10.77 5.13
N LEU A 347 -4.74 -9.56 5.55
CA LEU A 347 -5.24 -8.31 4.92
C LEU A 347 -4.08 -7.35 4.82
N LEU A 348 -3.94 -6.64 3.69
CA LEU A 348 -2.89 -5.65 3.59
C LEU A 348 -3.55 -4.27 3.41
N VAL A 349 -2.99 -3.27 4.07
CA VAL A 349 -3.46 -1.87 3.98
C VAL A 349 -2.36 -1.03 3.39
N GLU A 350 -2.63 -0.39 2.26
CA GLU A 350 -1.67 0.53 1.61
C GLU A 350 -1.74 1.89 2.30
N VAL A 351 -0.60 2.40 2.75
CA VAL A 351 -0.57 3.64 3.55
C VAL A 351 0.15 4.70 2.67
N GLY A 352 -0.59 5.34 1.79
CA GLY A 352 0.15 6.30 0.94
C GLY A 352 -0.83 6.72 -0.07
N PRO A 353 -0.38 7.55 -1.02
CA PRO A 353 -1.34 7.98 -2.03
C PRO A 353 -1.53 6.93 -3.12
N GLY A 354 -2.72 6.92 -3.69
CA GLY A 354 -3.08 6.02 -4.79
C GLY A 354 -3.35 4.60 -4.28
N ARG A 355 -3.53 3.69 -5.21
CA ARG A 355 -3.78 2.31 -4.86
C ARG A 355 -2.97 1.35 -5.72
N MET A 356 -1.81 1.80 -6.17
CA MET A 356 -0.90 0.94 -6.93
C MET A 356 -0.50 -0.37 -6.23
N LEU A 357 -0.08 -0.33 -4.97
CA LEU A 357 0.37 -1.54 -4.34
C LEU A 357 -0.77 -2.47 -4.04
N SER A 358 -1.96 -1.91 -3.71
CA SER A 358 -3.09 -2.84 -3.45
CA SER A 358 -3.11 -2.82 -3.46
C SER A 358 -3.42 -3.57 -4.77
N ALA A 359 -3.33 -2.86 -5.90
CA ALA A 359 -3.52 -3.56 -7.21
C ALA A 359 -2.47 -4.67 -7.43
N LEU A 360 -1.20 -4.38 -7.08
CA LEU A 360 -0.17 -5.42 -7.20
C LEU A 360 -0.41 -6.60 -6.28
N ALA A 361 -0.86 -6.31 -5.05
CA ALA A 361 -1.12 -7.38 -4.09
C ALA A 361 -2.28 -8.26 -4.52
N GLU A 362 -3.32 -7.63 -4.99
CA GLU A 362 -4.45 -8.42 -5.51
C GLU A 362 -4.02 -9.24 -6.74
N ALA A 363 -3.11 -8.70 -7.54
CA ALA A 363 -2.57 -9.54 -8.64
C ALA A 363 -1.83 -10.76 -8.16
N ALA A 364 -1.33 -10.80 -6.90
CA ALA A 364 -0.70 -11.94 -6.31
C ALA A 364 -1.65 -12.79 -5.51
N GLY A 365 -2.94 -12.49 -5.62
CA GLY A 365 -3.98 -13.27 -4.92
C GLY A 365 -4.14 -12.91 -3.44
N ARG A 366 -3.56 -11.77 -3.07
CA ARG A 366 -3.72 -11.20 -1.71
C ARG A 366 -4.89 -10.23 -1.58
N THR A 367 -5.37 -10.07 -0.37
CA THR A 367 -6.46 -9.16 -0.07
C THR A 367 -5.87 -7.83 0.42
N ALA A 368 -6.17 -6.76 -0.32
CA ALA A 368 -5.55 -5.46 -0.05
C ALA A 368 -6.49 -4.31 -0.30
N VAL A 369 -6.37 -3.28 0.51
CA VAL A 369 -7.17 -2.04 0.36
C VAL A 369 -6.29 -0.83 0.63
N SER A 370 -6.54 0.32 0.00
CA SER A 370 -5.66 1.50 0.20
C SER A 370 -6.33 2.61 1.01
N LEU A 371 -5.59 3.21 1.95
CA LEU A 371 -6.08 4.42 2.65
C LEU A 371 -6.06 5.62 1.72
N ASP A 372 -5.25 5.56 0.64
CA ASP A 372 -5.25 6.65 -0.43
C ASP A 372 -5.05 8.00 0.28
N ALA A 373 -4.05 8.02 1.14
CA ALA A 373 -3.66 9.14 1.96
C ALA A 373 -3.39 10.38 1.08
N GLY A 374 -4.00 11.48 1.48
CA GLY A 374 -3.84 12.77 0.81
C GLY A 374 -4.84 12.95 -0.29
N ALA A 375 -5.62 11.93 -0.64
CA ALA A 375 -6.56 12.17 -1.74
C ALA A 375 -7.63 13.16 -1.31
N ALA A 376 -8.16 13.89 -2.31
CA ALA A 376 -9.41 14.66 -2.14
C ALA A 376 -10.57 13.79 -1.63
N SER A 377 -10.74 12.59 -2.19
CA SER A 377 -11.85 11.70 -1.82
C SER A 377 -11.54 10.87 -0.54
N ALA A 378 -12.56 10.78 0.34
CA ALA A 378 -12.48 10.01 1.62
C ALA A 378 -12.67 8.54 1.42
N ALA A 379 -12.87 8.13 0.17
CA ALA A 379 -13.21 6.72 -0.12
C ALA A 379 -12.20 5.76 0.50
N GLY A 380 -10.92 6.05 0.27
CA GLY A 380 -9.86 5.16 0.77
C GLY A 380 -9.71 5.22 2.30
N MET A 381 -9.78 6.41 2.87
CA MET A 381 -9.75 6.50 4.32
C MET A 381 -10.85 5.65 4.94
N ALA A 382 -12.05 5.81 4.42
CA ALA A 382 -13.18 5.02 5.00
C ALA A 382 -12.93 3.52 4.82
N ALA A 383 -12.58 3.11 3.60
CA ALA A 383 -12.41 1.65 3.34
C ALA A 383 -11.23 1.06 4.15
N GLY A 384 -10.13 1.77 4.16
CA GLY A 384 -8.91 1.32 4.90
C GLY A 384 -9.19 1.25 6.42
N THR A 385 -9.90 2.28 6.94
CA THR A 385 -10.18 2.27 8.39
C THR A 385 -11.18 1.16 8.68
N ALA A 386 -12.13 0.94 7.78
CA ALA A 386 -13.05 -0.20 7.99
C ALA A 386 -12.30 -1.53 8.05
N ALA A 387 -11.32 -1.75 7.16
CA ALA A 387 -10.53 -2.96 7.17
C ALA A 387 -9.75 -3.09 8.47
N LEU A 388 -9.13 -2.00 8.93
CA LEU A 388 -8.32 -2.09 10.14
C LEU A 388 -9.23 -2.41 11.35
N PHE A 389 -10.44 -1.86 11.39
CA PHE A 389 -11.35 -2.13 12.52
C PHE A 389 -11.87 -3.55 12.46
N ALA A 390 -12.35 -4.00 11.30
CA ALA A 390 -12.95 -5.35 11.25
C ALA A 390 -11.86 -6.42 11.53
N ALA A 391 -10.64 -6.20 11.03
CA ALA A 391 -9.53 -7.16 11.25
C ALA A 391 -9.03 -7.17 12.69
N GLY A 392 -9.46 -6.21 13.50
CA GLY A 392 -8.97 -6.11 14.87
C GLY A 392 -7.66 -5.43 15.06
N ALA A 393 -7.20 -4.68 14.04
CA ALA A 393 -5.89 -4.06 14.19
C ALA A 393 -6.03 -2.67 14.88
N VAL A 394 -7.28 -2.15 14.89
CA VAL A 394 -7.61 -0.90 15.65
C VAL A 394 -8.86 -1.17 16.36
N ASP A 395 -8.97 -0.53 17.55
CA ASP A 395 -10.16 -0.83 18.38
C ASP A 395 -11.23 0.28 18.38
N ASP A 396 -11.04 1.38 17.67
CA ASP A 396 -11.93 2.54 17.89
C ASP A 396 -11.91 3.35 16.61
N ALA A 397 -13.10 3.42 15.98
CA ALA A 397 -13.27 4.14 14.72
C ALA A 397 -13.73 5.59 14.90
N THR A 398 -13.88 6.04 16.16
CA THR A 398 -14.37 7.40 16.37
C THR A 398 -13.52 8.51 15.75
N PRO A 399 -12.20 8.35 15.58
CA PRO A 399 -11.50 9.47 14.95
C PRO A 399 -11.98 9.79 13.54
N PHE A 400 -12.67 8.85 12.87
CA PHE A 400 -13.27 9.16 11.55
C PHE A 400 -14.35 10.26 11.53
N PHE A 401 -14.93 10.52 12.69
CA PHE A 401 -16.11 11.38 12.88
C PHE A 401 -15.76 12.70 13.59
N ALA A 402 -14.53 12.83 14.05
CA ALA A 402 -13.99 14.06 14.72
C ALA A 402 -13.70 15.20 13.76
N GLY A 403 -14.11 16.43 14.14
CA GLY A 403 -13.77 17.68 13.40
C GLY A 403 -14.26 17.81 11.96
N ARG A 404 -15.53 17.47 11.75
CA ARG A 404 -16.18 17.54 10.43
C ARG A 404 -16.46 18.99 9.99
CL CL B . -9.85 10.30 18.40
C1 MLI C . 11.23 4.77 -7.84
C2 MLI C . 10.44 4.11 -6.73
C3 MLI C . 12.33 5.17 -6.89
O6 MLI C . 9.46 4.67 -6.28
O8 MLI C . 12.03 6.08 -6.14
O9 MLI C . 13.42 4.57 -6.87
C1 GOL D . -17.75 11.94 17.12
O1 GOL D . -18.98 12.63 17.45
C2 GOL D . -17.52 11.05 18.35
O2 GOL D . -16.17 10.97 18.81
C3 GOL D . -18.18 9.67 18.33
O3 GOL D . -18.42 9.13 17.03
#